data_7R20
#
_entry.id   7R20
#
_cell.length_a   45.900
_cell.length_b   45.900
_cell.length_c   103.750
_cell.angle_alpha   90.000
_cell.angle_beta   90.000
_cell.angle_gamma   90.000
#
_symmetry.space_group_name_H-M   'P 43 21 2'
#
loop_
_entity.id
_entity.type
_entity.pdbx_description
1 polymer 'Anti-Arc nanobody E5'
2 non-polymer GLYCEROL
3 non-polymer 'SULFATE ION'
4 water water
#
_entity_poly.entity_id   1
_entity_poly.type   'polypeptide(L)'
_entity_poly.pdbx_seq_one_letter_code
;GSEVQLQESGGGLVQAGGSLRLSCAASGSIFSGNAMGWYRQAPGKQREVVAVISAGNSSNYVDSVKGRFTISRDNAKNTV
YLQMNSLKPEDTAVYYCNVVKRGPQWGMEWGKGTLVTVSS
;
_entity_poly.pdbx_strand_id   B
#
# COMPACT_ATOMS: atom_id res chain seq x y z
N GLU A 3 -0.71 -19.94 0.95
CA GLU A 3 -2.12 -19.53 0.99
C GLU A 3 -2.25 -18.16 1.67
N VAL A 4 -2.38 -17.12 0.86
CA VAL A 4 -2.63 -15.76 1.33
C VAL A 4 -4.00 -15.35 0.84
N GLN A 5 -4.56 -14.34 1.46
CA GLN A 5 -5.94 -13.93 1.15
C GLN A 5 -5.98 -12.47 0.69
N LEU A 6 -4.98 -12.05 -0.11
CA LEU A 6 -4.77 -10.68 -0.56
C LEU A 6 -4.20 -10.69 -1.97
N GLN A 7 -4.58 -9.69 -2.78
CA GLN A 7 -3.98 -9.53 -4.10
C GLN A 7 -3.93 -8.06 -4.50
N GLU A 8 -2.73 -7.60 -4.80
CA GLU A 8 -2.43 -6.23 -5.18
C GLU A 8 -2.30 -6.07 -6.70
N SER A 9 -2.62 -4.87 -7.18
CA SER A 9 -2.46 -4.55 -8.59
C SER A 9 -2.34 -3.04 -8.73
N GLY A 10 -1.99 -2.61 -9.91
CA GLY A 10 -2.02 -1.20 -10.28
C GLY A 10 -0.69 -0.52 -10.42
N GLY A 11 0.41 -1.20 -10.08
CA GLY A 11 1.72 -0.60 -10.23
C GLY A 11 2.06 -0.33 -11.70
N GLY A 12 3.06 0.52 -11.90
CA GLY A 12 3.57 0.81 -13.23
C GLY A 12 4.82 1.65 -13.12
N LEU A 13 5.45 1.86 -14.27
CA LEU A 13 6.56 2.78 -14.41
C LEU A 13 6.01 4.15 -14.78
N VAL A 14 6.49 5.18 -14.09
CA VAL A 14 6.05 6.54 -14.35
C VAL A 14 7.25 7.44 -14.21
N GLN A 15 7.15 8.61 -14.81
CA GLN A 15 8.20 9.59 -14.62
C GLN A 15 7.93 10.37 -13.35
N ALA A 16 8.98 10.96 -12.80
CA ALA A 16 8.79 11.79 -11.62
C ALA A 16 7.68 12.80 -11.88
N GLY A 17 6.82 13.00 -10.89
CA GLY A 17 5.67 13.85 -11.02
C GLY A 17 4.43 13.15 -11.48
N GLY A 18 4.53 11.88 -11.84
CA GLY A 18 3.39 11.14 -12.32
C GLY A 18 2.53 10.61 -11.19
N SER A 19 1.52 9.84 -11.57
CA SER A 19 0.55 9.32 -10.61
C SER A 19 0.15 7.89 -10.98
N LEU A 20 -0.20 7.12 -9.95
CA LEU A 20 -0.69 5.76 -10.07
C LEU A 20 -1.79 5.56 -9.03
N ARG A 21 -2.60 4.52 -9.23
CA ARG A 21 -3.60 4.12 -8.24
C ARG A 21 -3.49 2.63 -8.02
N LEU A 22 -3.08 2.25 -6.82
CA LEU A 22 -2.96 0.84 -6.51
C LEU A 22 -4.26 0.38 -5.89
N SER A 23 -4.54 -0.92 -6.05
N SER A 23 -4.56 -0.91 -6.09
CA SER A 23 -5.69 -1.52 -5.39
CA SER A 23 -5.66 -1.58 -5.44
C SER A 23 -5.29 -2.89 -4.85
C SER A 23 -5.13 -2.78 -4.69
N CYS A 24 -5.94 -3.26 -3.75
CA CYS A 24 -5.71 -4.53 -3.11
C CYS A 24 -7.08 -5.07 -2.72
N ALA A 25 -7.42 -6.24 -3.22
CA ALA A 25 -8.62 -6.95 -2.83
C ALA A 25 -8.24 -8.02 -1.83
N ALA A 26 -9.00 -8.12 -0.75
CA ALA A 26 -8.66 -9.01 0.35
C ALA A 26 -9.91 -9.77 0.77
N SER A 27 -9.71 -10.98 1.30
CA SER A 27 -10.81 -11.71 1.88
C SER A 27 -11.53 -10.86 2.92
N GLY A 28 -12.86 -10.95 2.95
CA GLY A 28 -13.62 -10.33 4.02
C GLY A 28 -13.14 -10.74 5.41
N SER A 29 -12.60 -11.95 5.53
CA SER A 29 -12.16 -12.39 6.84
C SER A 29 -10.92 -11.66 7.30
N ILE A 30 -10.13 -11.11 6.37
CA ILE A 30 -9.01 -10.23 6.71
C ILE A 30 -9.47 -8.79 6.81
N PHE A 31 -10.31 -8.38 5.87
CA PHE A 31 -10.57 -6.98 5.65
C PHE A 31 -11.65 -6.44 6.57
N SER A 32 -12.73 -7.17 6.73
CA SER A 32 -13.93 -6.57 7.30
C SER A 32 -13.72 -6.14 8.74
N GLY A 33 -13.99 -4.88 9.00
CA GLY A 33 -13.90 -4.32 10.34
C GLY A 33 -12.50 -4.05 10.81
N ASN A 34 -11.48 -4.26 9.95
CA ASN A 34 -10.10 -4.22 10.37
C ASN A 34 -9.32 -3.16 9.64
N ALA A 35 -8.38 -2.54 10.35
CA ALA A 35 -7.45 -1.59 9.77
C ALA A 35 -6.61 -2.28 8.71
N MET A 36 -6.48 -1.62 7.56
CA MET A 36 -5.70 -2.10 6.44
C MET A 36 -4.65 -1.07 6.08
N GLY A 37 -3.50 -1.55 5.62
CA GLY A 37 -2.40 -0.67 5.33
C GLY A 37 -1.69 -1.06 4.05
N TRP A 38 -1.02 -0.05 3.49
CA TRP A 38 -0.09 -0.23 2.38
C TRP A 38 1.32 -0.12 2.93
N TYR A 39 2.18 -1.03 2.47
CA TYR A 39 3.57 -1.12 2.87
C TYR A 39 4.40 -1.09 1.61
N ARG A 40 5.66 -0.72 1.74
CA ARG A 40 6.52 -0.76 0.56
C ARG A 40 7.89 -1.27 0.93
N GLN A 41 8.53 -1.92 -0.04
CA GLN A 41 9.78 -2.59 0.20
C GLN A 41 10.74 -2.31 -0.94
N ALA A 42 11.93 -1.85 -0.61
CA ALA A 42 12.99 -1.75 -1.60
C ALA A 42 13.98 -2.86 -1.36
N PRO A 43 14.83 -3.16 -2.35
CA PRO A 43 15.69 -4.35 -2.27
C PRO A 43 16.58 -4.35 -1.03
N GLY A 44 16.62 -5.51 -0.36
CA GLY A 44 17.36 -5.72 0.87
C GLY A 44 16.65 -5.31 2.15
N LYS A 45 15.53 -4.60 2.07
CA LYS A 45 14.98 -3.92 3.24
C LYS A 45 13.65 -4.49 3.66
N GLN A 46 13.29 -4.20 4.92
CA GLN A 46 12.00 -4.65 5.42
C GLN A 46 10.91 -3.85 4.74
N ARG A 47 9.69 -4.42 4.75
N ARG A 47 9.70 -4.42 4.73
CA ARG A 47 8.54 -3.66 4.29
CA ARG A 47 8.55 -3.65 4.32
C ARG A 47 8.27 -2.57 5.33
C ARG A 47 8.32 -2.55 5.35
N GLU A 48 8.01 -1.36 4.88
CA GLU A 48 7.74 -0.22 5.76
C GLU A 48 6.31 0.24 5.51
N VAL A 49 5.56 0.44 6.59
CA VAL A 49 4.18 0.88 6.40
C VAL A 49 4.21 2.32 5.90
N VAL A 50 3.32 2.59 4.94
N VAL A 50 3.31 2.68 4.98
CA VAL A 50 3.22 3.87 4.24
CA VAL A 50 3.26 4.10 4.58
C VAL A 50 1.96 4.63 4.62
C VAL A 50 1.89 4.73 4.80
N ALA A 51 0.83 3.94 4.71
CA ALA A 51 -0.49 4.52 4.96
C ALA A 51 -1.40 3.44 5.51
N VAL A 52 -2.34 3.85 6.37
CA VAL A 52 -3.22 2.92 7.04
C VAL A 52 -4.62 3.54 7.09
N ILE A 53 -5.64 2.69 7.04
CA ILE A 53 -7.03 3.16 7.07
C ILE A 53 -7.87 2.22 7.91
N SER A 54 -8.60 2.80 8.86
CA SER A 54 -9.44 2.01 9.71
C SER A 54 -10.75 1.72 9.02
N ALA A 55 -11.48 0.74 9.57
CA ALA A 55 -12.78 0.43 9.02
C ALA A 55 -13.72 1.62 9.13
N GLY A 56 -13.47 2.54 10.06
CA GLY A 56 -14.24 3.76 10.20
C GLY A 56 -13.66 4.95 9.50
N ASN A 57 -12.73 4.69 8.57
CA ASN A 57 -12.15 5.68 7.68
C ASN A 57 -11.17 6.64 8.35
N SER A 58 -10.65 6.31 9.51
CA SER A 58 -9.55 7.08 10.09
C SER A 58 -8.28 6.69 9.33
N SER A 59 -7.49 7.67 8.91
CA SER A 59 -6.30 7.36 8.13
C SER A 59 -5.03 7.87 8.81
N ASN A 60 -3.91 7.23 8.48
CA ASN A 60 -2.59 7.60 8.95
C ASN A 60 -1.64 7.53 7.76
N TYR A 61 -0.64 8.40 7.76
CA TYR A 61 0.35 8.47 6.70
C TYR A 61 1.71 8.78 7.27
N VAL A 62 2.76 8.16 6.69
CA VAL A 62 4.11 8.59 7.03
C VAL A 62 4.29 10.00 6.49
N ASP A 63 5.10 10.80 7.19
CA ASP A 63 5.22 12.21 6.83
C ASP A 63 5.63 12.39 5.36
N SER A 64 6.50 11.52 4.84
CA SER A 64 7.07 11.73 3.52
C SER A 64 6.08 11.52 2.38
N VAL A 65 4.89 10.98 2.64
CA VAL A 65 3.86 10.85 1.60
C VAL A 65 2.66 11.75 1.83
N LYS A 66 2.60 12.48 2.93
CA LYS A 66 1.48 13.38 3.16
C LYS A 66 1.44 14.48 2.10
N GLY A 67 0.24 14.80 1.65
CA GLY A 67 0.08 15.68 0.52
C GLY A 67 0.28 15.02 -0.80
N ARG A 68 0.73 13.79 -0.82
CA ARG A 68 0.95 13.10 -2.09
C ARG A 68 0.09 11.85 -2.26
N PHE A 69 -0.01 11.01 -1.22
CA PHE A 69 -0.76 9.78 -1.33
C PHE A 69 -2.06 9.90 -0.56
N THR A 70 -3.05 9.17 -1.04
CA THR A 70 -4.32 9.07 -0.32
C THR A 70 -4.76 7.62 -0.28
N ILE A 71 -5.05 7.13 0.94
CA ILE A 71 -5.54 5.77 1.11
C ILE A 71 -7.04 5.83 1.28
N SER A 72 -7.74 4.82 0.77
CA SER A 72 -9.19 4.73 0.91
C SER A 72 -9.59 3.27 0.87
N ARG A 73 -10.86 3.01 1.15
CA ARG A 73 -11.34 1.65 1.14
C ARG A 73 -12.79 1.63 0.67
N ASP A 74 -13.16 0.51 0.07
CA ASP A 74 -14.52 0.26 -0.39
C ASP A 74 -14.95 -0.98 0.37
N ASN A 75 -15.76 -0.79 1.40
CA ASN A 75 -16.10 -1.90 2.26
C ASN A 75 -16.99 -2.92 1.57
N ALA A 76 -17.73 -2.52 0.53
CA ALA A 76 -18.59 -3.45 -0.20
C ALA A 76 -17.84 -4.38 -1.13
N LYS A 77 -16.61 -4.04 -1.48
CA LYS A 77 -15.76 -4.85 -2.34
C LYS A 77 -14.53 -5.38 -1.61
N ASN A 78 -14.39 -5.12 -0.31
CA ASN A 78 -13.22 -5.55 0.45
C ASN A 78 -11.94 -5.14 -0.27
N THR A 79 -11.90 -3.90 -0.72
CA THR A 79 -10.77 -3.42 -1.49
C THR A 79 -10.22 -2.16 -0.84
N VAL A 80 -8.89 -2.05 -0.81
CA VAL A 80 -8.17 -0.88 -0.33
C VAL A 80 -7.48 -0.24 -1.53
N TYR A 81 -7.41 1.09 -1.55
CA TYR A 81 -6.81 1.83 -2.65
C TYR A 81 -5.70 2.73 -2.13
N LEU A 82 -4.68 2.96 -2.96
CA LEU A 82 -3.67 3.95 -2.67
C LEU A 82 -3.50 4.82 -3.91
N GLN A 83 -3.96 6.06 -3.83
CA GLN A 83 -3.77 7.03 -4.87
C GLN A 83 -2.41 7.66 -4.63
N MET A 84 -1.54 7.58 -5.61
CA MET A 84 -0.18 8.07 -5.46
C MET A 84 0.02 9.19 -6.46
N ASN A 85 0.12 10.42 -5.96
CA ASN A 85 0.35 11.58 -6.79
C ASN A 85 1.74 12.13 -6.53
N SER A 86 2.23 12.93 -7.48
CA SER A 86 3.51 13.61 -7.31
C SER A 86 4.61 12.62 -6.96
N LEU A 87 4.66 11.54 -7.73
CA LEU A 87 5.57 10.44 -7.44
C LEU A 87 7.02 10.88 -7.63
N LYS A 88 7.89 10.34 -6.79
CA LYS A 88 9.31 10.66 -6.72
C LYS A 88 10.11 9.37 -6.83
N PRO A 89 11.39 9.45 -7.27
CA PRO A 89 12.22 8.24 -7.29
C PRO A 89 12.31 7.54 -5.96
N GLU A 90 12.23 8.27 -4.84
N GLU A 90 12.21 8.27 -4.84
CA GLU A 90 12.21 7.63 -3.52
CA GLU A 90 12.20 7.69 -3.51
C GLU A 90 11.05 6.67 -3.36
C GLU A 90 10.93 6.90 -3.20
N ASP A 91 9.97 6.85 -4.13
CA ASP A 91 8.81 5.99 -4.01
C ASP A 91 8.95 4.66 -4.75
N THR A 92 10.02 4.46 -5.51
CA THR A 92 10.25 3.20 -6.20
C THR A 92 10.35 2.06 -5.21
N ALA A 93 9.49 1.04 -5.36
CA ALA A 93 9.45 -0.08 -4.43
C ALA A 93 8.39 -1.07 -4.89
N VAL A 94 8.36 -2.23 -4.27
CA VAL A 94 7.20 -3.12 -4.36
C VAL A 94 6.26 -2.74 -3.22
N TYR A 95 4.99 -2.51 -3.57
CA TYR A 95 3.94 -2.14 -2.62
C TYR A 95 3.07 -3.34 -2.31
N TYR A 96 2.72 -3.48 -1.03
CA TYR A 96 1.94 -4.57 -0.52
C TYR A 96 0.84 -4.02 0.40
N CYS A 97 -0.30 -4.71 0.42
N CYS A 97 -0.27 -4.70 0.42
CA CYS A 97 -1.41 -4.35 1.32
CA CYS A 97 -1.33 -4.37 1.36
C CYS A 97 -1.65 -5.48 2.31
C CYS A 97 -1.42 -5.48 2.39
N ASN A 98 -1.87 -5.12 3.58
CA ASN A 98 -2.13 -6.13 4.60
C ASN A 98 -2.96 -5.52 5.72
N VAL A 99 -3.45 -6.41 6.58
CA VAL A 99 -4.11 -5.98 7.79
C VAL A 99 -3.04 -5.44 8.72
N VAL A 100 -3.36 -4.39 9.48
CA VAL A 100 -2.41 -3.73 10.36
C VAL A 100 -2.71 -4.18 11.79
N LYS A 101 -1.89 -5.11 12.27
CA LYS A 101 -2.11 -5.75 13.56
C LYS A 101 -1.36 -5.03 14.68
N ARG A 102 -1.69 -5.41 15.92
CA ARG A 102 -0.95 -4.93 17.07
C ARG A 102 0.43 -5.57 17.07
N GLY A 103 1.40 -4.84 17.60
CA GLY A 103 2.71 -5.40 17.80
C GLY A 103 3.45 -5.30 16.50
N PRO A 104 4.63 -5.85 16.47
CA PRO A 104 5.42 -5.79 15.24
C PRO A 104 4.75 -6.60 14.14
N GLN A 105 5.04 -6.21 12.91
CA GLN A 105 4.38 -6.80 11.75
C GLN A 105 4.99 -8.13 11.33
N TRP A 106 6.10 -8.55 11.95
CA TRP A 106 6.80 -9.75 11.49
C TRP A 106 5.91 -10.98 11.58
N GLY A 107 6.09 -11.88 10.61
CA GLY A 107 5.42 -13.15 10.63
C GLY A 107 4.09 -13.21 9.92
N MET A 108 3.73 -12.20 9.16
CA MET A 108 2.50 -12.29 8.39
C MET A 108 2.77 -12.92 7.02
N GLU A 109 1.71 -13.43 6.43
CA GLU A 109 1.75 -13.87 5.04
C GLU A 109 1.43 -12.66 4.17
N TRP A 110 2.13 -12.54 3.05
CA TRP A 110 1.97 -11.41 2.16
C TRP A 110 1.61 -11.88 0.75
N GLY A 111 0.88 -11.04 0.04
CA GLY A 111 0.65 -11.22 -1.38
C GLY A 111 1.89 -10.95 -2.19
N LYS A 112 1.74 -11.00 -3.52
CA LYS A 112 2.89 -10.87 -4.41
C LYS A 112 3.40 -9.45 -4.48
N GLY A 113 2.58 -8.47 -4.12
CA GLY A 113 2.94 -7.08 -4.28
C GLY A 113 2.64 -6.59 -5.68
N THR A 114 2.69 -5.28 -5.81
CA THR A 114 2.67 -4.62 -7.11
C THR A 114 3.85 -3.67 -7.22
N LEU A 115 4.52 -3.69 -8.38
CA LEU A 115 5.76 -2.96 -8.56
C LEU A 115 5.49 -1.53 -9.02
N VAL A 116 6.18 -0.59 -8.39
CA VAL A 116 6.14 0.82 -8.77
C VAL A 116 7.56 1.28 -8.98
N THR A 117 7.83 1.85 -10.16
N THR A 117 7.88 1.83 -10.16
CA THR A 117 9.12 2.46 -10.50
CA THR A 117 9.18 2.47 -10.32
C THR A 117 8.88 3.88 -10.92
C THR A 117 9.03 3.82 -10.98
N VAL A 118 9.62 4.82 -10.35
CA VAL A 118 9.52 6.23 -10.70
C VAL A 118 10.90 6.56 -11.24
N SER A 119 10.96 6.89 -12.53
N SER A 119 10.97 6.80 -12.55
CA SER A 119 12.23 6.91 -13.26
CA SER A 119 12.26 6.85 -13.21
C SER A 119 13.10 8.10 -12.87
C SER A 119 13.07 8.05 -12.75
N SER A 120 14.36 7.82 -12.55
CA SER A 120 15.36 8.87 -12.34
C SER A 120 15.51 9.67 -13.64
#